data_5OO3
#
_entry.id   5OO3
#
_cell.length_a   53.110
_cell.length_b   70.970
_cell.length_c   72.430
_cell.angle_alpha   90.00
_cell.angle_beta   90.00
_cell.angle_gamma   90.00
#
_symmetry.space_group_name_H-M   'P 21 21 21'
#
loop_
_entity.id
_entity.type
_entity.pdbx_description
1 polymer 'Cyclin-dependent kinase 2'
2 non-polymer 1-(4-ethyl-2,3-dihydroquinoxalin-1-yl)propan-1-one
3 water water
#
_entity_poly.entity_id   1
_entity_poly.type   'polypeptide(L)'
_entity_poly.pdbx_seq_one_letter_code
;GPLGSMENFQKVEKIGEGTYGVVYKARNKLTGEVVALKKIRLDTETEGVPSTAIREISLLKELNHPNIVKLLDVIHTENK
LYLVCEFLHQDLKKFMDASALTGIPLPLIKSYLFQLLQGLAFCHSHRVLHRDLKPQNLLINTEGAIKLADFGLARAFGVP
VRTYTHEVVTLWYRAPEILLGAKYYSTAVDIWSLGCIFAEMVTRRALFPGDSEIDQLFRIFRTLGTPDEVVWPGVTSMPD
YKPSFPKWARQDFSKVVPPLDEDGRSLLSQMLHYDPNKRISAKAALAHPFFQDVTKPVPHLRL
;
_entity_poly.pdbx_strand_id   A
#
loop_
_chem_comp.id
_chem_comp.type
_chem_comp.name
_chem_comp.formula
9ZB non-polymer 1-(4-ethyl-2,3-dihydroquinoxalin-1-yl)propan-1-one 'C13 H18 N2 O'
#
# COMPACT_ATOMS: atom_id res chain seq x y z
N GLU A 7 -26.59 -1.53 -19.70
CA GLU A 7 -26.11 -2.22 -20.93
C GLU A 7 -24.84 -1.55 -21.51
N ASN A 8 -24.30 -0.55 -20.80
CA ASN A 8 -23.04 0.12 -21.20
C ASN A 8 -21.74 -0.77 -21.12
N PHE A 9 -21.72 -1.73 -20.19
CA PHE A 9 -20.55 -2.65 -20.02
C PHE A 9 -21.04 -4.07 -19.97
N GLN A 10 -20.34 -4.97 -20.63
CA GLN A 10 -20.60 -6.42 -20.48
C GLN A 10 -19.70 -7.05 -19.44
N LYS A 11 -20.26 -7.71 -18.44
CA LYS A 11 -19.47 -8.56 -17.54
C LYS A 11 -18.80 -9.68 -18.32
N VAL A 12 -17.52 -9.90 -18.04
CA VAL A 12 -16.79 -11.03 -18.60
C VAL A 12 -16.67 -12.08 -17.46
N GLU A 13 -16.07 -11.68 -16.33
CA GLU A 13 -15.92 -12.55 -15.19
C GLU A 13 -15.62 -11.69 -13.98
N LYS A 14 -15.90 -12.23 -12.79
CA LYS A 14 -15.51 -11.60 -11.51
C LYS A 14 -14.00 -11.72 -11.37
N ILE A 15 -13.31 -10.65 -10.98
CA ILE A 15 -11.85 -10.77 -10.85
C ILE A 15 -11.33 -10.48 -9.46
N GLY A 16 -12.20 -9.99 -8.55
CA GLY A 16 -11.69 -9.70 -7.21
C GLY A 16 -12.68 -9.05 -6.27
N GLU A 17 -12.25 -8.92 -5.02
CA GLU A 17 -13.03 -8.32 -3.96
C GLU A 17 -12.09 -7.47 -3.15
N GLY A 18 -12.44 -6.19 -3.03
CA GLY A 18 -11.68 -5.27 -2.19
C GLY A 18 -12.35 -5.02 -0.87
N THR A 19 -11.89 -4.01 -0.16
CA THR A 19 -12.48 -3.61 1.12
C THR A 19 -13.95 -3.12 0.96
N TYR A 20 -14.26 -2.45 -0.16
CA TYR A 20 -15.54 -1.76 -0.30
C TYR A 20 -16.50 -2.41 -1.27
N GLY A 21 -15.95 -3.14 -2.27
CA GLY A 21 -16.84 -3.71 -3.23
C GLY A 21 -16.12 -4.68 -4.11
N VAL A 22 -16.87 -5.24 -5.05
CA VAL A 22 -16.46 -6.31 -5.99
C VAL A 22 -15.91 -5.71 -7.29
N VAL A 23 -15.01 -6.44 -7.96
CA VAL A 23 -14.42 -5.99 -9.23
C VAL A 23 -14.69 -7.05 -10.29
N TYR A 24 -15.19 -6.61 -11.45
CA TYR A 24 -15.43 -7.51 -12.59
C TYR A 24 -14.55 -7.03 -13.75
N LYS A 25 -14.06 -7.96 -14.55
CA LYS A 25 -13.60 -7.63 -15.87
C LYS A 25 -14.87 -7.41 -16.72
N ALA A 26 -14.88 -6.33 -17.48
CA ALA A 26 -15.99 -5.94 -18.32
C ALA A 26 -15.52 -5.44 -19.68
N ARG A 27 -16.44 -5.46 -20.65
CA ARG A 27 -16.17 -4.97 -21.97
C ARG A 27 -17.08 -3.76 -22.25
N ASN A 28 -16.44 -2.65 -22.66
CA ASN A 28 -17.16 -1.43 -23.01
C ASN A 28 -17.90 -1.65 -24.36
N LYS A 29 -19.23 -1.79 -24.30
CA LYS A 29 -20.12 -2.04 -25.46
C LYS A 29 -19.75 -1.19 -26.69
N LEU A 30 -19.53 0.09 -26.41
CA LEU A 30 -19.51 1.10 -27.42
C LEU A 30 -18.09 1.43 -27.89
N THR A 31 -17.08 0.98 -27.15
CA THR A 31 -15.68 1.21 -27.54
C THR A 31 -14.85 -0.08 -27.76
N GLY A 32 -15.44 -1.23 -27.45
CA GLY A 32 -14.68 -2.49 -27.41
C GLY A 32 -13.55 -2.62 -26.36
N GLU A 33 -13.20 -1.56 -25.62
CA GLU A 33 -12.12 -1.66 -24.62
C GLU A 33 -12.51 -2.62 -23.47
N VAL A 34 -11.53 -3.40 -23.01
CA VAL A 34 -11.69 -4.24 -21.82
C VAL A 34 -11.24 -3.43 -20.58
N VAL A 35 -12.04 -3.46 -19.50
CA VAL A 35 -11.78 -2.64 -18.29
C VAL A 35 -11.99 -3.49 -17.03
N ALA A 36 -11.64 -2.91 -15.87
CA ALA A 36 -11.95 -3.50 -14.55
C ALA A 36 -12.97 -2.57 -13.95
N LEU A 37 -14.12 -3.13 -13.63
CA LEU A 37 -15.25 -2.32 -13.10
C LEU A 37 -15.53 -2.70 -11.67
N LYS A 38 -15.32 -1.74 -10.77
CA LYS A 38 -15.50 -1.96 -9.34
C LYS A 38 -16.88 -1.40 -9.00
N LYS A 39 -17.68 -2.16 -8.26
CA LYS A 39 -18.97 -1.70 -7.83
C LYS A 39 -18.96 -1.57 -6.33
N ILE A 40 -19.23 -0.37 -5.83
CA ILE A 40 -19.38 -0.19 -4.39
C ILE A 40 -20.83 0.18 -4.03
N ARG A 41 -21.45 -0.56 -3.10
CA ARG A 41 -22.84 -0.22 -2.65
C ARG A 41 -22.84 0.97 -1.66
N LEU A 42 -23.68 1.97 -2.00
CA LEU A 42 -23.92 3.25 -1.29
C LEU A 42 -22.75 4.18 -1.51
N PRO A 50 -21.17 15.35 6.29
CA PRO A 50 -21.86 14.82 5.11
C PRO A 50 -20.94 13.91 4.26
N SER A 51 -21.22 13.79 2.97
CA SER A 51 -20.43 12.95 2.07
C SER A 51 -19.76 13.73 0.91
N THR A 52 -18.45 13.92 1.01
CA THR A 52 -17.67 14.47 -0.07
C THR A 52 -16.95 13.39 -0.88
N ALA A 53 -17.36 12.13 -0.70
CA ALA A 53 -16.70 11.00 -1.35
C ALA A 53 -16.72 11.09 -2.89
N ILE A 54 -17.89 11.35 -3.47
CA ILE A 54 -18.01 11.48 -4.96
C ILE A 54 -17.13 12.61 -5.52
N ARG A 55 -17.12 13.75 -4.86
CA ARG A 55 -16.26 14.84 -5.30
C ARG A 55 -14.78 14.43 -5.27
N GLU A 56 -14.33 13.90 -4.11
N GLU A 56 -14.33 13.93 -4.12
CA GLU A 56 -12.91 13.59 -3.92
CA GLU A 56 -12.93 13.58 -3.92
C GLU A 56 -12.44 12.47 -4.84
C GLU A 56 -12.44 12.47 -4.84
N ILE A 57 -13.27 11.45 -5.03
CA ILE A 57 -12.90 10.31 -5.88
C ILE A 57 -12.90 10.75 -7.37
N SER A 58 -13.87 11.58 -7.73
CA SER A 58 -13.92 12.16 -9.09
C SER A 58 -12.66 12.93 -9.42
N LEU A 59 -12.06 13.60 -8.43
CA LEU A 59 -10.82 14.38 -8.64
C LEU A 59 -9.65 13.50 -9.00
N LEU A 60 -9.70 12.24 -8.61
CA LEU A 60 -8.61 11.29 -8.96
C LEU A 60 -8.57 10.96 -10.43
N LYS A 61 -9.66 11.21 -11.21
CA LYS A 61 -9.54 11.08 -12.67
C LYS A 61 -8.38 11.95 -13.30
N GLU A 62 -7.97 13.02 -12.66
CA GLU A 62 -6.87 13.88 -13.13
C GLU A 62 -5.49 13.46 -12.65
N LEU A 63 -5.43 12.56 -11.69
CA LEU A 63 -4.21 12.23 -10.96
C LEU A 63 -3.63 11.02 -11.72
N ASN A 64 -3.08 11.27 -12.91
CA ASN A 64 -2.64 10.20 -13.79
C ASN A 64 -1.11 10.07 -13.72
N HIS A 65 -0.65 8.82 -13.68
CA HIS A 65 0.74 8.48 -13.66
C HIS A 65 0.94 7.06 -14.16
N PRO A 66 2.11 6.74 -14.78
CA PRO A 66 2.29 5.37 -15.27
C PRO A 66 2.23 4.30 -14.16
N ASN A 67 2.39 4.69 -12.90
CA ASN A 67 2.42 3.69 -11.81
C ASN A 67 1.22 3.86 -10.88
N ILE A 68 0.15 4.55 -11.35
CA ILE A 68 -1.14 4.66 -10.68
C ILE A 68 -2.16 4.00 -11.62
N VAL A 69 -2.97 3.11 -11.08
CA VAL A 69 -3.96 2.42 -11.92
C VAL A 69 -4.85 3.50 -12.60
N LYS A 70 -4.96 3.43 -13.93
CA LYS A 70 -5.74 4.52 -14.60
C LYS A 70 -7.20 4.46 -14.20
N LEU A 71 -7.71 5.55 -13.63
CA LEU A 71 -9.16 5.68 -13.32
C LEU A 71 -9.87 6.30 -14.51
N LEU A 72 -10.59 5.48 -15.26
CA LEU A 72 -11.18 5.87 -16.53
C LEU A 72 -12.44 6.67 -16.29
N ASP A 73 -13.25 6.24 -15.35
CA ASP A 73 -14.48 6.97 -15.01
C ASP A 73 -14.98 6.69 -13.62
N VAL A 74 -15.84 7.56 -13.12
CA VAL A 74 -16.50 7.41 -11.83
C VAL A 74 -17.99 7.59 -12.05
N ILE A 75 -18.77 6.54 -11.81
CA ILE A 75 -20.22 6.57 -12.15
C ILE A 75 -21.04 6.48 -10.87
N HIS A 76 -21.90 7.44 -10.62
CA HIS A 76 -22.80 7.38 -9.46
C HIS A 76 -24.24 7.31 -9.92
N THR A 77 -24.88 6.16 -9.70
CA THR A 77 -26.20 5.90 -10.25
C THR A 77 -26.86 4.80 -9.44
N GLU A 78 -28.16 4.97 -9.20
CA GLU A 78 -28.98 4.01 -8.45
C GLU A 78 -28.32 3.66 -7.09
N ASN A 79 -27.79 4.66 -6.39
CA ASN A 79 -27.13 4.48 -5.05
C ASN A 79 -26.02 3.38 -5.01
N LYS A 80 -25.23 3.43 -6.05
CA LYS A 80 -24.07 2.63 -6.15
C LYS A 80 -23.02 3.52 -6.80
N LEU A 81 -21.78 3.31 -6.39
CA LEU A 81 -20.66 3.99 -6.98
C LEU A 81 -19.88 2.97 -7.79
N TYR A 82 -19.59 3.29 -9.05
CA TYR A 82 -18.84 2.42 -9.93
C TYR A 82 -17.55 3.10 -10.27
N LEU A 83 -16.44 2.36 -10.25
CA LEU A 83 -15.18 2.91 -10.70
C LEU A 83 -14.75 2.10 -11.89
N VAL A 84 -14.44 2.76 -13.00
CA VAL A 84 -14.00 2.07 -14.20
C VAL A 84 -12.50 2.29 -14.30
N CYS A 85 -11.74 1.19 -14.29
CA CYS A 85 -10.27 1.26 -14.29
C CYS A 85 -9.72 0.58 -15.51
N GLU A 86 -8.44 0.84 -15.86
CA GLU A 86 -7.81 0.00 -16.85
C GLU A 86 -7.77 -1.42 -16.31
N PHE A 87 -7.77 -2.39 -17.21
CA PHE A 87 -7.63 -3.76 -16.84
C PHE A 87 -6.19 -4.16 -16.60
N LEU A 88 -5.89 -4.71 -15.42
CA LEU A 88 -4.58 -5.26 -15.14
C LEU A 88 -4.76 -6.73 -14.71
N HIS A 89 -3.77 -7.59 -14.92
CA HIS A 89 -4.12 -9.03 -14.84
C HIS A 89 -3.83 -9.78 -13.52
N GLN A 90 -3.14 -9.16 -12.56
CA GLN A 90 -2.78 -9.90 -11.38
C GLN A 90 -2.38 -8.95 -10.26
N ASP A 91 -2.65 -9.30 -9.02
CA ASP A 91 -2.13 -8.49 -7.90
C ASP A 91 -0.79 -9.03 -7.37
N LEU A 92 -0.04 -8.20 -6.63
CA LEU A 92 1.25 -8.62 -6.08
C LEU A 92 1.10 -9.76 -5.04
N LYS A 93 -0.01 -9.80 -4.33
CA LYS A 93 -0.15 -10.89 -3.33
C LYS A 93 -0.18 -12.25 -4.08
N LYS A 94 -0.95 -12.31 -5.16
CA LYS A 94 -1.00 -13.55 -5.95
C LYS A 94 0.33 -13.87 -6.58
N PHE A 95 1.01 -12.86 -7.11
CA PHE A 95 2.32 -13.09 -7.68
C PHE A 95 3.33 -13.54 -6.62
N MET A 96 3.26 -12.97 -5.41
CA MET A 96 4.17 -13.44 -4.36
C MET A 96 3.88 -14.92 -3.95
N ASP A 97 2.60 -15.26 -3.83
CA ASP A 97 2.17 -16.65 -3.53
C ASP A 97 2.67 -17.56 -4.62
N ALA A 98 2.49 -17.19 -5.89
CA ALA A 98 2.98 -18.03 -6.98
C ALA A 98 4.51 -18.09 -7.09
N SER A 99 5.21 -17.15 -6.48
CA SER A 99 6.69 -17.16 -6.57
C SER A 99 7.29 -17.77 -5.30
N ALA A 100 6.44 -18.31 -4.41
CA ALA A 100 6.89 -18.80 -3.09
C ALA A 100 8.10 -19.75 -3.10
N LEU A 101 8.19 -20.65 -4.09
CA LEU A 101 9.21 -21.69 -4.07
C LEU A 101 10.58 -21.08 -4.22
N THR A 102 10.69 -20.10 -5.13
CA THR A 102 12.00 -19.51 -5.40
C THR A 102 12.13 -18.04 -5.00
N GLY A 103 11.01 -17.35 -4.78
CA GLY A 103 11.05 -15.92 -4.48
C GLY A 103 11.07 -15.08 -5.75
N ILE A 104 10.61 -13.85 -5.63
CA ILE A 104 10.77 -12.89 -6.70
C ILE A 104 12.25 -12.52 -6.85
N PRO A 105 12.80 -12.58 -8.09
CA PRO A 105 14.21 -12.16 -8.23
C PRO A 105 14.46 -10.72 -7.74
N LEU A 106 15.54 -10.54 -7.01
CA LEU A 106 15.96 -9.19 -6.53
C LEU A 106 15.90 -8.07 -7.58
N PRO A 107 16.36 -8.30 -8.86
CA PRO A 107 16.23 -7.15 -9.79
C PRO A 107 14.79 -6.85 -10.08
N LEU A 108 13.89 -7.84 -9.99
CA LEU A 108 12.48 -7.50 -10.16
C LEU A 108 11.88 -6.80 -8.94
N ILE A 109 12.27 -7.27 -7.76
CA ILE A 109 11.88 -6.56 -6.51
C ILE A 109 12.31 -5.09 -6.55
N LYS A 110 13.55 -4.83 -6.93
CA LYS A 110 14.07 -3.50 -7.05
C LYS A 110 13.27 -2.65 -8.08
N SER A 111 13.02 -3.24 -9.24
CA SER A 111 12.18 -2.57 -10.25
C SER A 111 10.82 -2.23 -9.68
N TYR A 112 10.15 -3.21 -9.04
CA TYR A 112 8.82 -2.93 -8.48
C TYR A 112 8.87 -1.84 -7.40
N LEU A 113 9.85 -1.89 -6.51
CA LEU A 113 9.89 -0.84 -5.43
C LEU A 113 10.17 0.52 -6.04
N PHE A 114 11.03 0.57 -7.05
CA PHE A 114 11.38 1.86 -7.79
C PHE A 114 10.11 2.42 -8.44
N GLN A 115 9.38 1.55 -9.09
CA GLN A 115 8.14 2.04 -9.75
C GLN A 115 7.09 2.49 -8.72
N LEU A 116 6.97 1.72 -7.63
CA LEU A 116 5.95 2.07 -6.61
C LEU A 116 6.31 3.38 -5.94
N LEU A 117 7.60 3.61 -5.72
CA LEU A 117 7.99 4.87 -5.14
C LEU A 117 7.68 6.06 -6.10
N GLN A 118 7.85 5.86 -7.40
CA GLN A 118 7.47 6.93 -8.35
C GLN A 118 5.98 7.25 -8.25
N GLY A 119 5.15 6.20 -8.11
CA GLY A 119 3.70 6.42 -8.01
C GLY A 119 3.36 7.19 -6.73
N LEU A 120 3.93 6.77 -5.60
CA LEU A 120 3.75 7.46 -4.32
C LEU A 120 4.24 8.90 -4.44
N ALA A 121 5.43 9.09 -4.96
CA ALA A 121 5.96 10.47 -5.07
C ALA A 121 4.99 11.38 -5.83
N PHE A 122 4.41 10.85 -6.92
CA PHE A 122 3.42 11.62 -7.67
C PHE A 122 2.20 11.98 -6.85
N CYS A 123 1.51 10.99 -6.26
CA CYS A 123 0.35 11.33 -5.45
C CYS A 123 0.69 12.26 -4.29
N HIS A 124 1.82 11.98 -3.61
CA HIS A 124 2.22 12.77 -2.48
C HIS A 124 2.48 14.25 -2.88
N SER A 125 3.09 14.43 -4.05
CA SER A 125 3.31 15.80 -4.60
C SER A 125 1.96 16.52 -4.85
N HIS A 126 0.86 15.79 -5.07
CA HIS A 126 -0.49 16.35 -5.17
C HIS A 126 -1.25 16.30 -3.89
N ARG A 127 -0.56 16.08 -2.78
CA ARG A 127 -1.18 15.99 -1.44
C ARG A 127 -2.21 14.84 -1.28
N VAL A 128 -2.07 13.75 -2.02
CA VAL A 128 -3.05 12.67 -1.97
C VAL A 128 -2.34 11.48 -1.32
N LEU A 129 -2.93 10.91 -0.26
CA LEU A 129 -2.36 9.77 0.46
C LEU A 129 -3.19 8.57 0.11
N HIS A 130 -2.59 7.39 0.21
CA HIS A 130 -3.35 6.15 0.03
C HIS A 130 -3.95 5.72 1.36
N ARG A 131 -3.06 5.54 2.36
CA ARG A 131 -3.40 5.19 3.74
C ARG A 131 -3.68 3.66 3.91
N ASP A 132 -3.83 2.89 2.81
CA ASP A 132 -4.06 1.45 3.01
C ASP A 132 -3.39 0.56 1.96
N LEU A 133 -2.10 0.79 1.72
CA LEU A 133 -1.38 0.00 0.78
C LEU A 133 -1.22 -1.40 1.33
N LYS A 134 -1.30 -2.36 0.40
CA LYS A 134 -1.12 -3.77 0.73
C LYS A 134 -0.88 -4.49 -0.59
N PRO A 135 -0.26 -5.66 -0.56
CA PRO A 135 0.06 -6.32 -1.81
C PRO A 135 -1.20 -6.53 -2.67
N GLN A 136 -2.37 -6.75 -2.04
CA GLN A 136 -3.59 -6.93 -2.83
C GLN A 136 -3.97 -5.73 -3.69
N ASN A 137 -3.50 -4.52 -3.37
CA ASN A 137 -3.83 -3.41 -4.23
C ASN A 137 -2.72 -2.85 -5.10
N LEU A 138 -1.68 -3.65 -5.30
CA LEU A 138 -0.59 -3.37 -6.24
C LEU A 138 -0.74 -4.33 -7.42
N LEU A 139 -0.97 -3.81 -8.62
CA LEU A 139 -1.36 -4.68 -9.75
C LEU A 139 -0.25 -4.65 -10.76
N ILE A 140 0.01 -5.80 -11.38
CA ILE A 140 1.10 -5.92 -12.33
C ILE A 140 0.54 -6.38 -13.69
N ASN A 141 1.28 -6.04 -14.75
CA ASN A 141 1.01 -6.61 -16.10
C ASN A 141 2.16 -7.53 -16.53
N THR A 142 2.11 -8.02 -17.78
CA THR A 142 3.12 -9.01 -18.19
C THR A 142 4.37 -8.36 -18.75
N GLU A 143 4.34 -7.02 -18.85
CA GLU A 143 5.43 -6.22 -19.39
C GLU A 143 6.45 -5.77 -18.34
N GLY A 144 6.15 -5.89 -17.05
CA GLY A 144 7.15 -5.50 -16.06
C GLY A 144 6.73 -4.26 -15.25
N ALA A 145 5.52 -3.72 -15.51
CA ALA A 145 5.00 -2.60 -14.74
C ALA A 145 4.26 -3.03 -13.49
N ILE A 146 4.21 -2.16 -12.48
CA ILE A 146 3.38 -2.40 -11.29
C ILE A 146 2.71 -1.05 -10.98
N LYS A 147 1.48 -1.09 -10.52
CA LYS A 147 0.72 0.18 -10.31
C LYS A 147 -0.06 0.11 -9.01
N LEU A 148 -0.26 1.26 -8.40
CA LEU A 148 -1.03 1.39 -7.14
C LEU A 148 -2.51 1.53 -7.50
N ALA A 149 -3.36 0.69 -6.90
CA ALA A 149 -4.83 0.76 -7.01
C ALA A 149 -5.46 1.31 -5.74
N ASP A 150 -6.69 1.78 -5.84
CA ASP A 150 -7.51 2.23 -4.70
C ASP A 150 -7.02 3.50 -4.01
N PHE A 151 -6.21 4.33 -4.69
CA PHE A 151 -5.98 5.66 -4.15
C PHE A 151 -7.31 6.36 -3.81
N GLY A 152 -7.36 7.10 -2.69
CA GLY A 152 -8.60 7.82 -2.37
C GLY A 152 -9.73 7.13 -1.64
N LEU A 153 -9.84 5.80 -1.72
CA LEU A 153 -10.96 5.09 -1.13
C LEU A 153 -10.91 5.12 0.43
N ALA A 154 -9.72 4.96 1.01
CA ALA A 154 -9.61 4.94 2.48
C ALA A 154 -10.05 6.32 3.08
N ARG A 155 -9.62 7.38 2.43
CA ARG A 155 -9.90 8.69 2.92
C ARG A 155 -11.39 8.93 2.70
N ALA A 156 -11.92 8.57 1.52
CA ALA A 156 -13.36 8.83 1.24
C ALA A 156 -14.27 8.10 2.19
N PHE A 157 -13.97 6.84 2.47
CA PHE A 157 -14.88 5.98 3.25
C PHE A 157 -14.48 5.63 4.68
N GLY A 158 -13.27 5.95 5.11
CA GLY A 158 -12.73 5.37 6.35
C GLY A 158 -12.25 3.92 6.11
N VAL A 159 -11.31 3.46 6.93
CA VAL A 159 -10.89 2.06 6.91
C VAL A 159 -11.70 1.30 7.96
N PRO A 160 -12.60 0.40 7.51
CA PRO A 160 -13.39 -0.34 8.46
C PRO A 160 -12.57 -1.50 9.04
N VAL A 161 -13.10 -2.10 10.09
CA VAL A 161 -12.55 -3.28 10.69
C VAL A 161 -12.76 -4.49 9.77
N ARG A 162 -13.92 -4.54 9.08
CA ARG A 162 -14.28 -5.68 8.20
C ARG A 162 -14.67 -5.16 6.81
N THR A 163 -14.35 -5.94 5.77
CA THR A 163 -14.76 -5.59 4.44
C THR A 163 -16.29 -5.82 4.25
N TYR A 164 -16.77 -5.40 3.08
CA TYR A 164 -18.18 -5.56 2.70
C TYR A 164 -18.63 -7.04 2.69
N THR A 165 -17.68 -7.98 2.59
CA THR A 165 -17.98 -9.41 2.69
C THR A 165 -17.62 -10.06 4.09
N HIS A 166 -17.43 -9.19 5.08
CA HIS A 166 -17.10 -9.53 6.46
C HIS A 166 -15.78 -10.22 6.70
N GLU A 167 -14.80 -9.94 5.84
CA GLU A 167 -13.41 -10.35 6.04
C GLU A 167 -12.63 -9.32 6.85
N VAL A 168 -11.63 -9.78 7.60
CA VAL A 168 -10.82 -8.89 8.41
C VAL A 168 -9.95 -7.99 7.49
N VAL A 169 -9.97 -6.68 7.68
CA VAL A 169 -9.11 -5.77 6.92
C VAL A 169 -7.73 -5.95 7.58
N THR A 170 -6.70 -6.26 6.77
CA THR A 170 -5.35 -6.52 7.36
C THR A 170 -4.76 -5.29 8.03
N LEU A 171 -4.11 -5.57 9.17
CA LEU A 171 -3.36 -4.55 9.94
C LEU A 171 -1.89 -4.55 9.61
N TRP A 172 -1.42 -5.50 8.76
CA TRP A 172 0.01 -5.82 8.70
C TRP A 172 0.89 -4.67 8.19
N TYR A 173 0.29 -3.77 7.44
CA TYR A 173 1.06 -2.72 6.73
C TYR A 173 0.79 -1.36 7.38
N ARG A 174 0.13 -1.35 8.53
CA ARG A 174 -0.39 -0.11 9.15
C ARG A 174 0.73 0.57 9.92
N ALA A 175 0.94 1.87 9.64
CA ALA A 175 2.00 2.65 10.29
C ALA A 175 1.75 2.79 11.84
N PRO A 176 2.84 2.88 12.63
CA PRO A 176 2.70 2.90 14.08
C PRO A 176 1.95 4.15 14.56
N GLU A 177 2.08 5.29 13.85
CA GLU A 177 1.37 6.49 14.32
C GLU A 177 -0.15 6.31 14.19
N ILE A 178 -0.60 5.52 13.22
CA ILE A 178 -2.04 5.22 13.10
C ILE A 178 -2.48 4.31 14.27
N LEU A 179 -1.71 3.25 14.53
CA LEU A 179 -2.01 2.33 15.58
C LEU A 179 -2.00 3.05 16.98
N LEU A 180 -1.14 4.05 17.14
CA LEU A 180 -1.08 4.81 18.44
C LEU A 180 -2.10 5.98 18.57
N GLY A 181 -2.97 6.10 17.56
CA GLY A 181 -4.20 6.95 17.56
C GLY A 181 -3.92 8.38 17.11
N ALA A 182 -2.83 8.63 16.38
CA ALA A 182 -2.58 10.01 15.81
C ALA A 182 -3.80 10.46 15.06
N LYS A 183 -4.16 11.72 15.21
CA LYS A 183 -5.30 12.25 14.45
C LYS A 183 -4.93 12.77 13.07
N TYR A 184 -3.66 13.02 12.84
CA TYR A 184 -3.22 13.53 11.57
C TYR A 184 -2.30 12.51 10.90
N TYR A 185 -2.68 12.09 9.71
CA TYR A 185 -1.82 11.17 8.95
C TYR A 185 -1.02 11.96 7.90
N SER A 186 0.28 11.71 7.82
CA SER A 186 1.07 12.34 6.77
C SER A 186 1.34 11.31 5.67
N THR A 187 1.78 11.79 4.51
CA THR A 187 2.29 10.90 3.45
C THR A 187 3.25 9.80 3.93
N ALA A 188 3.91 9.96 5.07
CA ALA A 188 4.78 8.94 5.66
C ALA A 188 4.04 7.60 5.92
N VAL A 189 2.72 7.62 6.15
CA VAL A 189 2.01 6.35 6.43
C VAL A 189 2.18 5.40 5.22
N ASP A 190 2.22 5.98 4.00
CA ASP A 190 2.36 5.09 2.80
C ASP A 190 3.76 4.61 2.64
N ILE A 191 4.74 5.43 3.01
CA ILE A 191 6.16 4.94 2.99
C ILE A 191 6.35 3.73 3.94
N TRP A 192 5.74 3.81 5.13
CA TRP A 192 5.82 2.67 6.11
C TRP A 192 5.26 1.40 5.44
N SER A 193 4.05 1.54 4.88
CA SER A 193 3.38 0.39 4.30
C SER A 193 4.27 -0.23 3.18
N LEU A 194 4.84 0.65 2.35
CA LEU A 194 5.62 0.17 1.24
C LEU A 194 6.90 -0.52 1.75
N GLY A 195 7.48 -0.02 2.85
CA GLY A 195 8.69 -0.66 3.41
C GLY A 195 8.30 -2.09 3.92
N CYS A 196 7.11 -2.22 4.54
CA CYS A 196 6.62 -3.58 4.94
C CYS A 196 6.52 -4.53 3.72
N ILE A 197 5.99 -3.98 2.62
CA ILE A 197 5.82 -4.78 1.38
C ILE A 197 7.19 -5.18 0.80
N PHE A 198 8.07 -4.20 0.68
CA PHE A 198 9.49 -4.43 0.36
C PHE A 198 10.13 -5.61 1.10
N ALA A 199 10.12 -5.56 2.45
CA ALA A 199 10.65 -6.68 3.28
C ALA A 199 9.93 -8.02 2.95
N GLU A 200 8.62 -7.96 2.70
CA GLU A 200 7.90 -9.18 2.43
C GLU A 200 8.32 -9.78 1.09
N MET A 201 8.55 -8.93 0.05
CA MET A 201 9.00 -9.51 -1.24
C MET A 201 10.36 -10.20 -1.08
N VAL A 202 11.20 -9.63 -0.26
CA VAL A 202 12.61 -10.09 -0.12
C VAL A 202 12.60 -11.43 0.68
N THR A 203 11.87 -11.44 1.80
CA THR A 203 11.93 -12.64 2.72
C THR A 203 10.89 -13.73 2.42
N ARG A 204 9.92 -13.42 1.57
CA ARG A 204 8.73 -14.26 1.32
C ARG A 204 7.83 -14.49 2.51
N ARG A 205 7.84 -13.58 3.48
CA ARG A 205 7.00 -13.71 4.67
C ARG A 205 6.64 -12.30 5.12
N ALA A 206 5.37 -12.04 5.55
CA ALA A 206 5.00 -10.71 6.07
C ALA A 206 5.96 -10.29 7.14
N LEU A 207 6.37 -9.01 7.15
CA LEU A 207 7.28 -8.50 8.16
C LEU A 207 6.62 -8.48 9.57
N PHE A 208 5.42 -7.91 9.65
CA PHE A 208 4.73 -7.70 10.94
C PHE A 208 3.30 -8.28 10.80
N PRO A 209 3.11 -9.62 10.91
CA PRO A 209 1.75 -10.17 10.67
C PRO A 209 0.85 -10.15 11.92
N GLY A 210 0.47 -8.95 12.34
CA GLY A 210 -0.32 -8.82 13.58
C GLY A 210 -1.74 -9.33 13.32
N ASP A 211 -2.36 -9.81 14.39
CA ASP A 211 -3.72 -10.31 14.36
C ASP A 211 -4.68 -9.52 15.27
N SER A 212 -4.24 -8.37 15.74
CA SER A 212 -5.05 -7.38 16.48
C SER A 212 -4.20 -6.13 16.49
N GLU A 213 -4.78 -4.99 16.90
CA GLU A 213 -3.97 -3.75 16.96
C GLU A 213 -2.82 -3.84 17.94
N ILE A 214 -3.04 -4.49 19.10
CA ILE A 214 -1.95 -4.61 20.04
C ILE A 214 -0.91 -5.63 19.55
N ASP A 215 -1.36 -6.75 18.98
CA ASP A 215 -0.38 -7.69 18.43
C ASP A 215 0.46 -7.01 17.30
N GLN A 216 -0.20 -6.24 16.42
CA GLN A 216 0.53 -5.48 15.39
C GLN A 216 1.59 -4.56 16.03
N LEU A 217 1.18 -3.77 17.03
CA LEU A 217 2.16 -2.85 17.64
C LEU A 217 3.32 -3.58 18.31
N PHE A 218 3.02 -4.68 19.08
CA PHE A 218 4.08 -5.37 19.76
C PHE A 218 5.01 -6.13 18.82
N ARG A 219 4.50 -6.61 17.69
CA ARG A 219 5.41 -7.16 16.61
C ARG A 219 6.36 -6.11 16.07
N ILE A 220 5.82 -4.91 15.81
CA ILE A 220 6.69 -3.79 15.38
C ILE A 220 7.76 -3.53 16.49
N PHE A 221 7.30 -3.46 17.75
CA PHE A 221 8.23 -3.10 18.87
C PHE A 221 9.31 -4.15 19.06
N ARG A 222 8.93 -5.41 18.89
CA ARG A 222 9.88 -6.52 19.12
C ARG A 222 11.00 -6.53 18.07
N THR A 223 10.71 -5.99 16.89
CA THR A 223 11.74 -5.85 15.83
C THR A 223 12.50 -4.53 15.88
N LEU A 224 11.77 -3.44 15.95
CA LEU A 224 12.38 -2.08 15.86
C LEU A 224 12.77 -1.45 17.20
N GLY A 225 12.40 -2.12 18.29
CA GLY A 225 12.57 -1.61 19.63
C GLY A 225 11.33 -0.85 20.01
N THR A 226 10.96 -0.90 21.29
CA THR A 226 9.89 -0.04 21.77
C THR A 226 10.30 1.40 21.67
N PRO A 227 9.48 2.25 21.00
CA PRO A 227 9.90 3.63 20.80
C PRO A 227 9.88 4.44 22.12
N ASP A 228 10.76 5.44 22.25
CA ASP A 228 10.74 6.39 23.37
C ASP A 228 10.83 7.78 22.80
N GLU A 229 10.95 8.79 23.70
CA GLU A 229 10.98 10.18 23.31
C GLU A 229 12.27 10.55 22.50
N VAL A 230 13.32 9.75 22.63
CA VAL A 230 14.59 9.94 21.92
C VAL A 230 14.42 9.61 20.43
N VAL A 231 13.93 8.42 20.09
CA VAL A 231 13.72 8.12 18.69
C VAL A 231 12.47 8.77 18.10
N TRP A 232 11.48 9.06 18.95
CA TRP A 232 10.20 9.55 18.45
C TRP A 232 9.62 10.58 19.38
N PRO A 233 10.03 11.85 19.18
CA PRO A 233 9.51 12.89 20.08
C PRO A 233 8.00 13.01 20.02
N GLY A 234 7.39 13.06 21.20
CA GLY A 234 5.94 13.11 21.28
C GLY A 234 5.28 11.71 21.45
N VAL A 235 6.04 10.62 21.26
CA VAL A 235 5.42 9.29 21.28
C VAL A 235 4.66 8.97 22.57
N THR A 236 5.20 9.43 23.71
CA THR A 236 4.55 9.08 25.00
C THR A 236 3.27 9.90 25.22
N SER A 237 3.01 10.92 24.40
CA SER A 237 1.70 11.65 24.47
C SER A 237 0.73 11.28 23.41
N MET A 238 0.98 10.19 22.66
CA MET A 238 -0.04 9.80 21.69
C MET A 238 -1.27 9.22 22.39
N PRO A 239 -2.46 9.40 21.83
CA PRO A 239 -3.71 8.93 22.51
C PRO A 239 -3.70 7.47 22.99
N ASP A 240 -3.11 6.51 22.23
CA ASP A 240 -3.20 5.10 22.59
C ASP A 240 -1.89 4.58 23.14
N TYR A 241 -0.94 5.49 23.41
CA TYR A 241 0.29 5.06 24.07
C TYR A 241 0.02 4.73 25.56
N LYS A 242 0.62 3.63 26.03
CA LYS A 242 0.56 3.25 27.47
C LYS A 242 1.96 3.10 27.99
N PRO A 243 2.28 3.80 29.09
CA PRO A 243 3.59 3.58 29.74
C PRO A 243 3.88 2.15 30.13
N SER A 244 2.84 1.30 30.22
CA SER A 244 3.01 -0.10 30.54
C SER A 244 3.45 -0.96 29.33
N PHE A 245 3.64 -0.37 28.12
CA PHE A 245 4.18 -1.17 26.98
C PHE A 245 5.50 -1.82 27.41
N PRO A 246 5.71 -3.13 27.14
CA PRO A 246 7.03 -3.72 27.38
C PRO A 246 8.09 -3.01 26.55
N LYS A 247 9.30 -3.00 27.06
CA LYS A 247 10.37 -2.22 26.47
C LYS A 247 11.31 -3.21 25.82
N TRP A 248 11.14 -3.49 24.51
CA TRP A 248 12.00 -4.40 23.76
C TRP A 248 13.17 -3.65 23.13
N ALA A 249 14.29 -4.33 22.99
CA ALA A 249 15.46 -3.71 22.36
C ALA A 249 15.37 -3.94 20.86
N ARG A 250 15.94 -3.00 20.11
CA ARG A 250 15.94 -3.09 18.67
C ARG A 250 16.78 -4.28 18.09
N GLN A 251 16.29 -4.94 17.06
CA GLN A 251 17.06 -5.96 16.37
C GLN A 251 17.91 -5.36 15.27
N ASP A 252 19.00 -6.03 14.88
CA ASP A 252 19.77 -5.62 13.73
C ASP A 252 19.05 -6.01 12.46
N PHE A 253 18.94 -5.09 11.50
CA PHE A 253 18.34 -5.39 10.21
C PHE A 253 18.96 -6.53 9.50
N SER A 254 20.21 -6.85 9.86
CA SER A 254 20.83 -7.99 9.19
C SER A 254 20.03 -9.27 9.46
N LYS A 255 19.35 -9.33 10.61
CA LYS A 255 18.50 -10.50 10.93
C LYS A 255 17.09 -10.46 10.27
N VAL A 256 16.60 -9.24 10.07
CA VAL A 256 15.22 -8.95 9.74
C VAL A 256 14.95 -9.26 8.25
N VAL A 257 15.82 -8.79 7.36
CA VAL A 257 15.66 -9.05 5.95
C VAL A 257 16.81 -9.72 5.23
N PRO A 258 17.38 -10.82 5.79
CA PRO A 258 18.37 -11.44 4.90
C PRO A 258 17.64 -12.04 3.63
N PRO A 259 18.25 -12.01 2.44
CA PRO A 259 19.64 -11.61 2.24
C PRO A 259 19.74 -10.26 1.49
N LEU A 260 18.99 -9.27 1.93
CA LEU A 260 19.11 -7.98 1.31
C LEU A 260 20.55 -7.41 1.51
N ASP A 261 21.15 -6.86 0.43
CA ASP A 261 22.46 -6.16 0.53
C ASP A 261 22.39 -4.91 1.45
N GLU A 262 23.56 -4.33 1.76
CA GLU A 262 23.61 -3.15 2.63
C GLU A 262 22.83 -1.91 2.19
N ASP A 263 22.77 -1.66 0.89
CA ASP A 263 21.96 -0.51 0.40
C ASP A 263 20.45 -0.73 0.65
N GLY A 264 19.96 -1.95 0.43
CA GLY A 264 18.53 -2.28 0.61
C GLY A 264 18.15 -2.16 2.07
N ARG A 265 19.07 -2.60 2.93
CA ARG A 265 18.87 -2.54 4.36
C ARG A 265 18.89 -1.14 4.88
N SER A 266 19.82 -0.31 4.36
CA SER A 266 19.83 1.11 4.70
C SER A 266 18.50 1.78 4.26
N LEU A 267 18.08 1.53 3.02
CA LEU A 267 16.82 2.10 2.55
C LEU A 267 15.63 1.65 3.44
N LEU A 268 15.53 0.34 3.66
CA LEU A 268 14.41 -0.23 4.42
C LEU A 268 14.36 0.43 5.82
N SER A 269 15.53 0.56 6.49
CA SER A 269 15.54 1.17 7.80
C SER A 269 15.03 2.59 7.78
N GLN A 270 15.36 3.36 6.73
CA GLN A 270 14.81 4.69 6.60
C GLN A 270 13.32 4.75 6.30
N MET A 271 12.81 3.71 5.66
CA MET A 271 11.32 3.63 5.37
C MET A 271 10.53 3.23 6.64
N LEU A 272 11.25 2.71 7.63
CA LEU A 272 10.65 2.18 8.84
C LEU A 272 10.97 3.02 10.07
N HIS A 273 11.49 4.23 9.87
CA HIS A 273 11.73 5.11 11.06
C HIS A 273 10.42 5.30 11.78
N TYR A 274 10.49 5.21 13.11
CA TYR A 274 9.27 5.48 13.88
C TYR A 274 8.67 6.88 13.64
N ASP A 275 9.51 7.91 13.70
CA ASP A 275 9.02 9.32 13.69
C ASP A 275 8.59 9.66 12.25
N PRO A 276 7.29 9.96 11.98
CA PRO A 276 6.78 10.20 10.62
C PRO A 276 7.49 11.39 9.97
N ASN A 277 7.98 12.31 10.81
CA ASN A 277 8.78 13.42 10.34
C ASN A 277 10.17 12.99 9.84
N LYS A 278 10.75 11.94 10.41
CA LYS A 278 12.10 11.48 9.99
C LYS A 278 12.03 10.45 8.88
N ARG A 279 10.90 9.82 8.73
CA ARG A 279 10.81 8.70 7.73
C ARG A 279 11.13 9.26 6.31
N ILE A 280 11.91 8.54 5.53
CA ILE A 280 12.30 9.00 4.21
C ILE A 280 11.07 9.30 3.30
N SER A 281 11.15 10.32 2.43
CA SER A 281 10.02 10.59 1.55
C SER A 281 10.18 9.70 0.28
N ALA A 282 9.09 9.61 -0.54
CA ALA A 282 9.25 8.79 -1.74
C ALA A 282 10.30 9.36 -2.65
N LYS A 283 10.26 10.70 -2.74
CA LYS A 283 11.14 11.44 -3.62
C LYS A 283 12.64 11.13 -3.22
N ALA A 284 12.94 11.24 -1.94
CA ALA A 284 14.26 10.93 -1.43
C ALA A 284 14.66 9.47 -1.57
N ALA A 285 13.70 8.58 -1.40
CA ALA A 285 13.98 7.13 -1.59
C ALA A 285 14.41 6.84 -3.03
N LEU A 286 13.83 7.54 -4.02
CA LEU A 286 14.16 7.25 -5.43
C LEU A 286 15.64 7.58 -5.77
N ALA A 287 16.22 8.49 -5.00
CA ALA A 287 17.63 8.91 -5.13
C ALA A 287 18.55 8.01 -4.33
N HIS A 288 18.00 6.96 -3.66
CA HIS A 288 18.86 6.16 -2.81
C HIS A 288 19.79 5.32 -3.67
N PRO A 289 21.05 5.12 -3.22
CA PRO A 289 21.96 4.25 -3.97
C PRO A 289 21.49 2.82 -4.23
N PHE A 290 20.51 2.30 -3.47
CA PHE A 290 19.92 1.02 -3.79
C PHE A 290 19.44 0.93 -5.26
N PHE A 291 19.07 2.08 -5.84
CA PHE A 291 18.53 2.10 -7.20
C PHE A 291 19.56 2.37 -8.29
N GLN A 292 20.84 2.42 -7.89
CA GLN A 292 21.89 2.79 -8.82
C GLN A 292 21.87 1.87 -10.02
N ASP A 293 21.54 0.58 -9.83
CA ASP A 293 21.57 -0.39 -10.91
C ASP A 293 20.17 -0.90 -11.30
N VAL A 294 19.13 -0.13 -11.00
CA VAL A 294 17.73 -0.59 -11.28
C VAL A 294 17.53 -0.82 -12.80
N THR A 295 16.77 -1.84 -13.12
CA THR A 295 16.49 -2.29 -14.51
C THR A 295 14.99 -2.54 -14.50
N LYS A 296 14.43 -2.87 -15.67
CA LYS A 296 13.02 -3.18 -15.74
C LYS A 296 12.89 -4.61 -16.34
N PRO A 297 13.04 -5.66 -15.50
CA PRO A 297 12.87 -7.00 -16.04
C PRO A 297 11.40 -7.30 -16.32
N VAL A 298 11.17 -8.21 -17.27
CA VAL A 298 9.83 -8.74 -17.58
C VAL A 298 9.70 -10.11 -16.87
N PRO A 299 8.65 -10.30 -16.05
CA PRO A 299 8.44 -11.62 -15.45
C PRO A 299 7.63 -12.61 -16.34
C1 9ZB B . -10.92 -1.41 -10.56
C2 9ZB B . -11.40 0.03 -10.84
C3 9ZB B . -8.36 -2.46 -7.88
C4 9ZB B . -8.98 -3.77 -7.44
O 9ZB B . -10.41 -0.79 -8.37
C 9ZB B . -10.06 -1.49 -9.32
N 9ZB B . -8.96 -2.24 -9.20
C7 9ZB B . -8.47 -3.05 -10.24
C12 9ZB B . -8.07 -2.68 -11.53
C11 9ZB B . -7.60 -3.70 -12.39
C10 9ZB B . -7.52 -5.08 -12.05
C9 9ZB B . -7.89 -5.44 -10.74
C8 9ZB B . -8.34 -4.46 -9.84
N1 9ZB B . -8.72 -4.79 -8.51
C5 9ZB B . -8.94 -6.21 -8.24
C6 9ZB B . -7.64 -6.82 -7.76
#